data_4DND
#
_entry.id   4DND
#
_cell.length_a   22.186
_cell.length_b   58.733
_cell.length_c   36.518
_cell.angle_alpha   90.000
_cell.angle_beta   100.210
_cell.angle_gamma   90.000
#
_symmetry.space_group_name_H-M   'P 1 21 1'
#
loop_
_entity.id
_entity.type
_entity.pdbx_description
1 polymer Syntaxin-10
2 water water
#
_entity_poly.entity_id   1
_entity_poly.type   'polypeptide(L)'
_entity_poly.pdbx_seq_one_letter_code
;(MSE)HHHHHHSSGVDLGTENLYFQS(MSE)SLEDPFFVVRGEVQKAVNTARGLYQRWCELLQESAAVGREELDWTTNEL
RNGLRSIEWDLEDLEETIGIVEANPGKFKLPAGDLQERKVFVER(MSE)REAVQE(MSE)KDH(MSE)VS
;
_entity_poly.pdbx_strand_id   A
#
# COMPACT_ATOMS: atom_id res chain seq x y z
N ASP A 27 13.75 7.49 8.15
CA ASP A 27 13.62 6.05 7.74
C ASP A 27 13.55 5.93 6.22
N PRO A 28 14.60 5.41 5.59
CA PRO A 28 14.74 5.56 4.14
C PRO A 28 13.57 5.01 3.35
N PHE A 29 13.21 5.69 2.27
CA PHE A 29 12.12 5.21 1.44
C PHE A 29 12.30 3.72 1.09
N PHE A 30 13.52 3.28 0.76
CA PHE A 30 13.71 1.89 0.33
C PHE A 30 13.38 0.86 1.41
N VAL A 31 13.62 1.24 2.67
CA VAL A 31 13.23 0.40 3.78
C VAL A 31 11.70 0.31 3.85
N VAL A 32 11.03 1.46 3.80
CA VAL A 32 9.56 1.49 3.90
C VAL A 32 8.91 0.76 2.72
N ARG A 33 9.45 0.99 1.53
CA ARG A 33 9.01 0.32 0.32
C ARG A 33 8.97 -1.21 0.49
N GLY A 34 10.03 -1.79 1.06
CA GLY A 34 10.09 -3.24 1.28
C GLY A 34 9.03 -3.71 2.26
N GLU A 35 8.80 -2.90 3.30
CA GLU A 35 7.77 -3.21 4.30
C GLU A 35 6.37 -3.17 3.70
N VAL A 36 6.10 -2.17 2.88
CA VAL A 36 4.80 -2.03 2.22
C VAL A 36 4.54 -3.18 1.24
N GLN A 37 5.54 -3.53 0.45
CA GLN A 37 5.43 -4.66 -0.46
C GLN A 37 5.13 -5.94 0.32
N LYS A 38 5.81 -6.16 1.44
CA LYS A 38 5.58 -7.36 2.25
C LYS A 38 4.13 -7.34 2.77
N ALA A 39 3.66 -6.17 3.21
CA ALA A 39 2.30 -6.08 3.72
C ALA A 39 1.26 -6.39 2.64
N VAL A 40 1.48 -5.84 1.44
CA VAL A 40 0.59 -6.15 0.32
C VAL A 40 0.59 -7.64 -0.01
N ASN A 41 1.77 -8.26 0.00
CA ASN A 41 1.84 -9.71 -0.26
C ASN A 41 1.06 -10.51 0.79
N THR A 42 1.20 -10.10 2.05
CA THR A 42 0.48 -10.76 3.13
C THR A 42 -1.03 -10.58 2.95
N ALA A 43 -1.45 -9.37 2.61
CA ALA A 43 -2.87 -9.13 2.36
C ALA A 43 -3.40 -10.01 1.21
N ARG A 44 -2.62 -10.13 0.14
CA ARG A 44 -2.99 -10.99 -0.98
C ARG A 44 -3.18 -12.45 -0.54
N GLY A 45 -2.35 -12.92 0.40
CA GLY A 45 -2.49 -14.29 0.94
C GLY A 45 -3.82 -14.44 1.66
N LEU A 46 -4.16 -13.43 2.47
CA LEU A 46 -5.46 -13.41 3.15
C LEU A 46 -6.61 -13.38 2.18
N TYR A 47 -6.45 -12.59 1.14
CA TYR A 47 -7.46 -12.45 0.11
C TYR A 47 -7.71 -13.77 -0.60
N GLN A 48 -6.63 -14.48 -0.96
CA GLN A 48 -6.79 -15.80 -1.57
C GLN A 48 -7.54 -16.76 -0.62
N ARG A 49 -7.23 -16.72 0.68
CA ARG A 49 -7.97 -17.53 1.65
C ARG A 49 -9.45 -17.12 1.70
N TRP A 50 -9.69 -15.81 1.66
CA TRP A 50 -11.04 -15.25 1.72
C TRP A 50 -11.86 -15.72 0.55
N CYS A 51 -11.28 -15.65 -0.65
CA CYS A 51 -11.93 -16.14 -1.87
C CYS A 51 -12.30 -17.62 -1.78
N GLU A 52 -11.41 -18.44 -1.22
CA GLU A 52 -11.69 -19.86 -0.99
C GLU A 52 -12.92 -20.08 -0.12
N LEU A 53 -12.99 -19.31 0.97
CA LEU A 53 -14.08 -19.42 1.94
C LEU A 53 -15.37 -18.79 1.42
N GLU A 63 -16.30 -17.89 13.42
CA GLU A 63 -16.23 -18.38 12.05
C GLU A 63 -15.02 -17.82 11.28
N GLU A 64 -14.47 -18.68 10.44
CA GLU A 64 -13.24 -18.39 9.71
C GLU A 64 -13.43 -17.29 8.67
N LEU A 65 -14.56 -17.31 7.97
CA LEU A 65 -14.84 -16.29 6.96
C LEU A 65 -14.92 -14.90 7.60
N ASP A 66 -15.63 -14.80 8.71
CA ASP A 66 -15.80 -13.51 9.40
C ASP A 66 -14.48 -12.97 9.91
N TRP A 67 -13.66 -13.86 10.46
CA TRP A 67 -12.35 -13.47 10.95
C TRP A 67 -11.49 -12.94 9.83
N THR A 68 -11.52 -13.62 8.69
CA THR A 68 -10.68 -13.28 7.54
C THR A 68 -11.12 -11.95 6.95
N THR A 69 -12.44 -11.77 6.86
CA THR A 69 -13.01 -10.50 6.40
C THR A 69 -12.48 -9.33 7.25
N ASN A 70 -12.58 -9.46 8.56
CA ASN A 70 -12.09 -8.43 9.45
C ASN A 70 -10.57 -8.19 9.31
N GLU A 71 -9.81 -9.28 9.28
CA GLU A 71 -8.35 -9.18 9.20
C GLU A 71 -7.92 -8.46 7.93
N LEU A 72 -8.56 -8.82 6.81
CA LEU A 72 -8.25 -8.22 5.53
C LEU A 72 -8.65 -6.75 5.49
N ARG A 73 -9.86 -6.42 5.95
CA ARG A 73 -10.31 -5.03 5.97
C ARG A 73 -9.33 -4.18 6.78
N ASN A 74 -8.94 -4.68 7.94
CA ASN A 74 -7.97 -3.96 8.77
C ASN A 74 -6.63 -3.82 8.10
N GLY A 75 -6.21 -4.90 7.47
CA GLY A 75 -4.91 -4.92 6.82
C GLY A 75 -4.84 -3.97 5.65
N LEU A 76 -5.92 -3.90 4.87
CA LEU A 76 -5.96 -2.98 3.75
C LEU A 76 -5.96 -1.51 4.23
N ARG A 77 -6.67 -1.23 5.31
CA ARG A 77 -6.71 0.12 5.85
C ARG A 77 -5.31 0.53 6.31
N SER A 78 -4.61 -0.39 6.97
CA SER A 78 -3.24 -0.16 7.43
C SER A 78 -2.27 0.15 6.27
N ILE A 79 -2.38 -0.61 5.19
CA ILE A 79 -1.53 -0.36 4.03
C ILE A 79 -1.84 1.03 3.50
N GLU A 80 -3.12 1.38 3.42
CA GLU A 80 -3.51 2.68 2.85
C GLU A 80 -2.93 3.82 3.66
N TRP A 81 -2.95 3.70 4.98
CA TRP A 81 -2.34 4.72 5.83
C TRP A 81 -0.88 4.86 5.50
N ASP A 82 -0.18 3.73 5.28
CA ASP A 82 1.22 3.79 4.90
C ASP A 82 1.43 4.44 3.52
N LEU A 83 0.56 4.14 2.56
CA LEU A 83 0.60 4.76 1.23
C LEU A 83 0.38 6.28 1.27
N GLU A 84 -0.57 6.72 2.10
CA GLU A 84 -0.80 8.15 2.32
C GLU A 84 0.49 8.82 2.76
N ASP A 85 1.22 8.19 3.69
CA ASP A 85 2.48 8.75 4.21
C ASP A 85 3.53 8.83 3.10
N LEU A 86 3.62 7.79 2.29
CA LEU A 86 4.58 7.82 1.19
C LEU A 86 4.23 8.92 0.20
N GLU A 87 2.93 9.08 -0.08
CA GLU A 87 2.47 10.14 -0.99
C GLU A 87 2.83 11.53 -0.46
N GLU A 88 2.65 11.74 0.85
CA GLU A 88 3.01 13.01 1.47
C GLU A 88 4.50 13.29 1.36
N THR A 89 5.33 12.28 1.60
CA THR A 89 6.78 12.43 1.46
C THR A 89 7.19 12.74 0.00
N ILE A 90 6.58 12.07 -0.97
CA ILE A 90 6.83 12.41 -2.38
C ILE A 90 6.59 13.90 -2.61
N GLY A 91 5.47 14.41 -2.12
CA GLY A 91 5.12 15.82 -2.27
C GLY A 91 6.15 16.75 -1.66
N ILE A 92 6.62 16.42 -0.46
CA ILE A 92 7.62 17.24 0.21
C ILE A 92 8.94 17.24 -0.57
N VAL A 93 9.36 16.06 -1.02
CA VAL A 93 10.64 15.93 -1.70
C VAL A 93 10.61 16.65 -3.04
N GLU A 94 9.53 16.47 -3.80
CA GLU A 94 9.39 17.15 -5.10
C GLU A 94 9.41 18.67 -4.95
N ALA A 95 8.79 19.18 -3.88
CA ALA A 95 8.63 20.62 -3.68
C ALA A 95 9.89 21.31 -3.18
N ASN A 96 10.87 20.54 -2.72
CA ASN A 96 12.10 21.14 -2.21
C ASN A 96 13.32 20.36 -2.68
N PRO A 97 13.57 20.38 -4.00
CA PRO A 97 14.69 19.66 -4.57
C PRO A 97 16.05 20.11 -4.03
N GLY A 98 16.20 21.41 -3.71
CA GLY A 98 17.45 21.90 -3.12
C GLY A 98 17.83 21.19 -1.82
N LYS A 99 16.83 20.85 -1.01
CA LYS A 99 17.04 20.14 0.25
C LYS A 99 17.35 18.66 0.06
N PHE A 100 16.56 17.99 -0.77
CA PHE A 100 16.61 16.54 -0.82
C PHE A 100 17.50 16.02 -1.96
N LYS A 101 17.56 16.77 -3.05
CA LYS A 101 18.38 16.43 -4.22
C LYS A 101 18.11 15.03 -4.76
N LEU A 102 16.86 14.58 -4.65
CA LEU A 102 16.53 13.24 -5.12
C LEU A 102 16.50 13.24 -6.63
N PRO A 103 17.30 12.36 -7.28
CA PRO A 103 17.26 12.26 -8.73
C PRO A 103 15.83 12.09 -9.28
N ALA A 104 15.55 12.73 -10.40
CA ALA A 104 14.21 12.76 -10.96
C ALA A 104 13.68 11.36 -11.26
N GLY A 105 14.56 10.49 -11.76
CA GLY A 105 14.17 9.12 -12.06
C GLY A 105 13.71 8.39 -10.82
N ASP A 106 14.40 8.63 -9.72
CA ASP A 106 14.08 7.98 -8.46
C ASP A 106 12.73 8.47 -7.93
N LEU A 107 12.45 9.77 -8.08
CA LEU A 107 11.15 10.33 -7.66
C LEU A 107 10.00 9.70 -8.45
N GLN A 108 10.18 9.62 -9.77
CA GLN A 108 9.21 8.93 -10.63
C GLN A 108 8.98 7.47 -10.24
N GLU A 109 10.05 6.74 -9.94
CA GLU A 109 9.89 5.35 -9.47
C GLU A 109 9.14 5.25 -8.15
N ARG A 110 9.27 6.26 -7.27
CA ARG A 110 8.44 6.28 -6.08
C ARG A 110 6.96 6.39 -6.42
N LYS A 111 6.62 7.30 -7.33
CA LYS A 111 5.22 7.48 -7.72
C LYS A 111 4.63 6.21 -8.34
N VAL A 112 5.41 5.55 -9.19
CA VAL A 112 4.96 4.30 -9.80
C VAL A 112 4.74 3.23 -8.74
N PHE A 113 5.66 3.15 -7.78
CA PHE A 113 5.49 2.18 -6.69
C PHE A 113 4.19 2.43 -5.94
N VAL A 114 3.97 3.68 -5.54
CA VAL A 114 2.74 4.01 -4.81
C VAL A 114 1.48 3.71 -5.65
N GLU A 115 1.52 4.06 -6.92
CA GLU A 115 0.40 3.77 -7.82
C GLU A 115 0.13 2.26 -7.93
N ARG A 116 1.18 1.47 -8.12
CA ARG A 116 1.06 -0.01 -8.14
C ARG A 116 0.44 -0.55 -6.84
N MSE A 117 0.91 -0.05 -5.70
CA MSE A 117 0.39 -0.55 -4.43
C MSE A 117 -1.05 -0.14 -4.24
O MSE A 117 -1.86 -0.92 -3.74
CB MSE A 117 1.23 -0.09 -3.25
CG MSE A 117 2.69 -0.59 -3.27
SE MSE A 117 2.91 -2.54 -3.27
CE MSE A 117 3.37 -2.82 -5.17
N ARG A 118 -1.39 1.09 -4.65
CA ARG A 118 -2.78 1.57 -4.55
C ARG A 118 -3.70 0.69 -5.39
N GLU A 119 -3.26 0.35 -6.59
CA GLU A 119 -4.02 -0.51 -7.48
C GLU A 119 -4.19 -1.91 -6.87
N ALA A 120 -3.12 -2.44 -6.28
CA ALA A 120 -3.18 -3.75 -5.64
C ALA A 120 -4.20 -3.77 -4.47
N VAL A 121 -4.18 -2.72 -3.66
CA VAL A 121 -5.12 -2.58 -2.57
C VAL A 121 -6.53 -2.44 -3.10
N GLN A 122 -6.70 -1.59 -4.13
CA GLN A 122 -8.05 -1.34 -4.66
C GLN A 122 -8.69 -2.61 -5.23
N GLU A 123 -7.91 -3.49 -5.85
CA GLU A 123 -8.44 -4.75 -6.39
C GLU A 123 -9.12 -5.54 -5.28
N MSE A 124 -8.47 -5.60 -4.13
CA MSE A 124 -9.01 -6.33 -2.97
C MSE A 124 -10.15 -5.56 -2.35
O MSE A 124 -11.21 -6.13 -2.06
CB MSE A 124 -7.87 -6.57 -1.98
CG MSE A 124 -6.88 -7.57 -2.57
SE MSE A 124 -5.48 -8.05 -1.28
CE MSE A 124 -4.24 -6.57 -1.63
N LYS A 125 -10.01 -4.25 -2.19
CA LYS A 125 -11.09 -3.46 -1.59
C LYS A 125 -12.39 -3.56 -2.35
N ASP A 126 -12.30 -3.58 -3.68
CA ASP A 126 -13.50 -3.68 -4.54
C ASP A 126 -14.35 -4.87 -4.14
N HIS A 127 -13.70 -5.97 -3.76
CA HIS A 127 -14.42 -7.17 -3.40
C HIS A 127 -14.95 -7.21 -1.99
N MSE A 128 -14.54 -6.25 -1.17
CA MSE A 128 -14.95 -6.21 0.25
CA MSE A 128 -14.98 -6.21 0.22
C MSE A 128 -16.12 -5.27 0.46
O MSE A 128 -16.68 -5.24 1.56
CB MSE A 128 -13.87 -5.74 1.23
CB MSE A 128 -13.82 -5.69 1.03
CG MSE A 128 -12.54 -6.53 1.31
CG MSE A 128 -12.61 -6.45 0.51
SE MSE A 128 -12.65 -8.28 2.23
SE MSE A 128 -11.65 -6.91 2.14
CE MSE A 128 -12.15 -9.16 0.55
CE MSE A 128 -12.63 -8.53 2.68
N VAL A 129 -16.51 -4.52 -0.57
CA VAL A 129 -17.58 -3.51 -0.43
C VAL A 129 -18.89 -4.12 0.05
N SER A 130 -19.51 -3.38 0.99
CA SER A 130 -20.86 -3.63 1.50
CA SER A 130 -20.86 -3.60 1.53
C SER A 130 -20.86 -4.47 2.77
#